data_8F1H
#
_entry.id   8F1H
#
_cell.length_a   146.317
_cell.length_b   146.317
_cell.length_c   146.317
_cell.angle_alpha   90.00
_cell.angle_beta   90.00
_cell.angle_gamma   90.00
#
_symmetry.space_group_name_H-M   'I 2 3'
#
loop_
_entity.id
_entity.type
_entity.pdbx_description
1 polymer 'Epidermal growth factor receptor'
2 non-polymer N-[(5P,8S,10R)-4-amino-6-methyl-5-(quinolin-3-yl)-8,9-dihydropyrimido[5,4-b]indolizin-8-yl]prop-2-enamide
3 non-polymer 'CITRIC ACID'
4 water water
#
_entity_poly.entity_id   1
_entity_poly.type   'polypeptide(L)'
_entity_poly.pdbx_seq_one_letter_code
;GSTSGEAPNQALLRILKETEFKKIKVLGSGAFGTVYKGLWIPEGEKVKIPVAIKELREATSPKANKEILDEAYVMASVDN
PHVCRLLGICLTSTVQLITQLMPFGCLLDYVREHKDNIGSQYLLNWCVQIAKGMNYLEDRRLVHRDLAARNVLVKTPQHV
KITDFGLAKLLGAEEKEYHAEGGKVPIKWMALESILHRIYTHQSDVWSYGVTVWELMTFGSKPYDGIPASEISSILEKGE
RLPQPPICTIDVYMIMVKCWMIDADSRPKFRELIIEFSKMARDPQRYLVIQGDERMHLPSPTDSNFYRALMDEEDMDDVV
DADEYLIPQQG
;
_entity_poly.pdbx_strand_id   A
#
loop_
_chem_comp.id
_chem_comp.type
_chem_comp.name
_chem_comp.formula
CIT non-polymer 'CITRIC ACID' 'C6 H8 O7'
X9H non-polymer N-[(5P,8S,10R)-4-amino-6-methyl-5-(quinolin-3-yl)-8,9-dihydropyrimido[5,4-b]indolizin-8-yl]prop-2-enamide 'C23 H20 N6 O'
#
# COMPACT_ATOMS: atom_id res chain seq x y z
N GLU A 6 -20.65 16.66 -4.63
CA GLU A 6 -19.21 16.53 -4.48
C GLU A 6 -18.44 17.51 -5.38
N ALA A 7 -17.15 17.70 -5.11
CA ALA A 7 -16.27 18.60 -5.84
C ALA A 7 -15.81 17.95 -7.15
N PRO A 8 -15.49 18.75 -8.16
CA PRO A 8 -15.13 18.18 -9.46
C PRO A 8 -13.67 17.73 -9.48
N ASN A 9 -13.44 16.53 -9.99
CA ASN A 9 -12.11 15.91 -10.00
C ASN A 9 -11.37 16.38 -11.25
N GLN A 10 -10.47 17.34 -11.08
CA GLN A 10 -9.75 17.92 -12.19
C GLN A 10 -8.38 17.28 -12.41
N ALA A 11 -8.18 16.06 -11.90
CA ALA A 11 -6.92 15.36 -12.11
C ALA A 11 -6.64 15.16 -13.60
N LEU A 12 -5.37 15.22 -13.96
CA LEU A 12 -4.95 15.03 -15.34
C LEU A 12 -4.56 13.59 -15.59
N LEU A 13 -5.18 12.99 -16.60
CA LEU A 13 -4.88 11.61 -17.02
C LEU A 13 -3.90 11.69 -18.18
N ARG A 14 -2.62 11.46 -17.89
CA ARG A 14 -1.58 11.58 -18.89
C ARG A 14 -1.50 10.30 -19.72
N ILE A 15 -1.44 10.46 -21.04
CA ILE A 15 -1.35 9.35 -21.96
C ILE A 15 0.03 9.36 -22.59
N LEU A 16 0.72 8.22 -22.53
CA LEU A 16 2.14 8.13 -22.83
C LEU A 16 2.35 7.37 -24.14
N LYS A 17 3.15 7.95 -25.02
CA LYS A 17 3.52 7.27 -26.26
C LYS A 17 4.37 6.06 -25.94
N GLU A 18 4.20 5.00 -26.73
CA GLU A 18 5.02 3.80 -26.57
C GLU A 18 6.48 4.10 -26.86
N THR A 19 6.75 5.01 -27.81
CA THR A 19 8.12 5.38 -28.15
C THR A 19 8.85 6.08 -27.01
N GLU A 20 8.14 6.46 -25.94
CA GLU A 20 8.72 7.16 -24.81
C GLU A 20 9.34 6.24 -23.76
N PHE A 21 9.15 4.92 -23.89
CA PHE A 21 9.61 3.97 -22.89
C PHE A 21 10.78 3.16 -23.45
N LYS A 22 11.91 3.17 -22.73
CA LYS A 22 13.10 2.47 -23.15
C LYS A 22 13.58 1.54 -22.05
N LYS A 23 14.38 0.54 -22.46
CA LYS A 23 14.98 -0.45 -21.57
C LYS A 23 13.95 -1.14 -20.68
N ILE A 24 12.83 -1.54 -21.27
CA ILE A 24 11.80 -2.25 -20.53
C ILE A 24 12.29 -3.67 -20.26
N LYS A 25 12.50 -4.01 -18.99
CA LYS A 25 12.91 -5.35 -18.57
C LYS A 25 11.93 -5.82 -17.51
N VAL A 26 11.61 -7.12 -17.52
CA VAL A 26 10.58 -7.65 -16.64
C VAL A 26 11.02 -7.55 -15.19
N LEU A 27 10.07 -7.25 -14.31
CA LEU A 27 10.34 -7.06 -12.89
C LEU A 27 9.73 -8.17 -12.04
N GLY A 28 8.49 -8.53 -12.29
CA GLY A 28 7.86 -9.57 -11.51
C GLY A 28 6.57 -10.02 -12.15
N SER A 29 6.11 -11.21 -11.74
CA SER A 29 4.87 -11.79 -12.23
C SER A 29 4.19 -12.47 -11.06
N GLY A 30 2.87 -12.34 -10.99
CA GLY A 30 2.13 -12.98 -9.93
C GLY A 30 0.66 -12.58 -9.99
N ALA A 31 -0.03 -12.74 -8.86
CA ALA A 31 -1.43 -12.34 -8.76
C ALA A 31 -1.64 -10.87 -9.09
N PHE A 32 -0.57 -10.06 -9.05
CA PHE A 32 -0.62 -8.65 -9.44
C PHE A 32 -0.54 -8.47 -10.95
N GLY A 33 -0.53 -9.56 -11.71
CA GLY A 33 -0.25 -9.49 -13.13
C GLY A 33 1.22 -9.61 -13.44
N THR A 34 1.70 -8.82 -14.41
CA THR A 34 3.12 -8.76 -14.75
C THR A 34 3.58 -7.33 -14.67
N VAL A 35 4.74 -7.11 -14.05
CA VAL A 35 5.31 -5.78 -13.83
C VAL A 35 6.66 -5.70 -14.52
N TYR A 36 6.90 -4.58 -15.19
CA TYR A 36 8.14 -4.30 -15.91
C TYR A 36 8.85 -3.10 -15.31
N LYS A 37 10.18 -3.15 -15.34
CA LYS A 37 11.03 -2.02 -15.03
C LYS A 37 11.46 -1.36 -16.34
N GLY A 38 11.64 -0.05 -16.30
CA GLY A 38 12.01 0.63 -17.52
C GLY A 38 12.29 2.09 -17.29
N LEU A 39 12.52 2.79 -18.39
CA LEU A 39 12.77 4.22 -18.40
C LEU A 39 11.73 4.93 -19.24
N TRP A 40 11.24 6.05 -18.73
CA TRP A 40 10.32 6.91 -19.46
C TRP A 40 11.07 8.18 -19.84
N ILE A 41 11.19 8.42 -21.14
CA ILE A 41 11.91 9.58 -21.65
C ILE A 41 10.92 10.53 -22.29
N PRO A 42 10.32 11.48 -21.54
CA PRO A 42 9.49 12.50 -22.17
C PRO A 42 10.27 13.23 -23.25
N GLU A 43 9.74 13.20 -24.47
CA GLU A 43 10.51 13.65 -25.62
C GLU A 43 10.90 15.11 -25.48
N GLY A 44 12.16 15.40 -25.81
CA GLY A 44 12.67 16.75 -25.68
C GLY A 44 13.38 16.98 -24.35
N GLU A 45 12.65 16.74 -23.26
CA GLU A 45 13.21 16.90 -21.93
C GLU A 45 14.41 15.97 -21.75
N LYS A 46 15.55 16.54 -21.36
CA LYS A 46 16.74 15.74 -21.07
C LYS A 46 16.62 15.05 -19.71
N VAL A 47 15.58 14.24 -19.58
CA VAL A 47 15.30 13.52 -18.34
C VAL A 47 14.95 12.08 -18.65
N LYS A 48 15.40 11.17 -17.78
CA LYS A 48 15.14 9.74 -17.91
C LYS A 48 14.55 9.29 -16.57
N ILE A 49 13.25 9.04 -16.53
CA ILE A 49 12.55 8.76 -15.29
C ILE A 49 12.40 7.25 -15.15
N PRO A 50 12.94 6.63 -14.09
CA PRO A 50 12.74 5.19 -13.91
C PRO A 50 11.30 4.90 -13.49
N VAL A 51 10.67 3.94 -14.17
CA VAL A 51 9.26 3.66 -14.01
C VAL A 51 9.04 2.17 -13.84
N ALA A 52 7.83 1.82 -13.41
CA ALA A 52 7.33 0.46 -13.44
C ALA A 52 6.06 0.43 -14.27
N ILE A 53 5.96 -0.56 -15.15
CA ILE A 53 4.82 -0.75 -16.02
C ILE A 53 4.13 -2.05 -15.62
N LYS A 54 2.80 -2.02 -15.61
CA LYS A 54 2.02 -3.13 -15.07
C LYS A 54 0.82 -3.39 -15.95
N GLU A 55 0.68 -4.63 -16.41
CA GLU A 55 -0.45 -5.03 -17.23
C GLU A 55 -1.19 -6.17 -16.55
N LEU A 56 -1.85 -7.01 -17.33
CA LEU A 56 -2.63 -8.13 -16.80
C LEU A 56 -2.07 -9.43 -17.34
N ARG A 57 -1.90 -10.40 -16.46
CA ARG A 57 -1.53 -11.76 -16.85
C ARG A 57 -2.69 -12.54 -17.44
N GLU A 58 -3.53 -11.88 -18.26
CA GLU A 58 -4.74 -12.50 -18.81
C GLU A 58 -4.87 -12.20 -20.30
N ALA A 59 -6.02 -11.66 -20.71
CA ALA A 59 -6.24 -11.37 -22.12
C ALA A 59 -6.92 -10.02 -22.25
N THR A 60 -6.95 -9.50 -23.47
CA THR A 60 -7.49 -8.17 -23.72
C THR A 60 -9.01 -8.10 -23.52
N SER A 61 -9.52 -8.95 -22.64
CA SER A 61 -10.92 -8.95 -22.21
C SER A 61 -11.38 -7.54 -21.92
N PRO A 62 -12.51 -7.10 -22.49
CA PRO A 62 -12.99 -5.74 -22.21
C PRO A 62 -13.15 -5.44 -20.73
N LYS A 63 -13.56 -6.43 -19.95
CA LYS A 63 -13.75 -6.23 -18.51
C LYS A 63 -12.43 -5.93 -17.81
N ALA A 64 -11.36 -6.61 -18.21
CA ALA A 64 -10.04 -6.32 -17.65
C ALA A 64 -9.70 -4.84 -17.82
N ASN A 65 -9.86 -4.32 -19.04
CA ASN A 65 -9.57 -2.91 -19.29
C ASN A 65 -10.51 -1.99 -18.52
N LYS A 66 -11.74 -2.44 -18.23
CA LYS A 66 -12.65 -1.61 -17.44
C LYS A 66 -12.13 -1.44 -16.02
N GLU A 67 -11.59 -2.50 -15.43
CA GLU A 67 -11.09 -2.42 -14.05
C GLU A 67 -9.72 -1.79 -13.99
N ILE A 68 -8.86 -2.07 -14.98
CA ILE A 68 -7.58 -1.37 -15.12
C ILE A 68 -7.81 0.13 -15.09
N LEU A 69 -8.66 0.62 -16.01
CA LEU A 69 -8.93 2.05 -16.11
C LEU A 69 -9.63 2.60 -14.86
N ASP A 70 -10.21 1.74 -14.02
CA ASP A 70 -10.76 2.25 -12.76
C ASP A 70 -9.67 2.45 -11.72
N GLU A 71 -8.72 1.52 -11.64
CA GLU A 71 -7.54 1.75 -10.81
C GLU A 71 -6.76 2.94 -11.32
N ALA A 72 -6.71 3.13 -12.64
CA ALA A 72 -6.07 4.32 -13.20
C ALA A 72 -6.76 5.58 -12.70
N TYR A 73 -8.10 5.58 -12.68
CA TYR A 73 -8.85 6.76 -12.26
C TYR A 73 -8.49 7.19 -10.85
N VAL A 74 -8.42 6.23 -9.92
CA VAL A 74 -8.10 6.55 -8.53
C VAL A 74 -6.66 7.01 -8.42
N MET A 75 -5.74 6.22 -8.97
CA MET A 75 -4.31 6.53 -8.84
C MET A 75 -3.95 7.85 -9.52
N ALA A 76 -4.67 8.22 -10.60
CA ALA A 76 -4.47 9.52 -11.21
C ALA A 76 -4.94 10.67 -10.32
N SER A 77 -5.70 10.39 -9.27
CA SER A 77 -6.32 11.42 -8.45
C SER A 77 -5.66 11.62 -7.10
N VAL A 78 -4.57 10.92 -6.82
CA VAL A 78 -3.88 11.02 -5.53
C VAL A 78 -2.54 11.71 -5.74
N ASP A 79 -2.14 12.51 -4.75
CA ASP A 79 -0.86 13.21 -4.80
C ASP A 79 -0.38 13.41 -3.37
N ASN A 80 0.48 12.51 -2.90
CA ASN A 80 0.96 12.55 -1.54
C ASN A 80 2.32 11.86 -1.48
N PRO A 81 3.23 12.32 -0.61
CA PRO A 81 4.56 11.69 -0.54
C PRO A 81 4.55 10.24 -0.09
N HIS A 82 3.44 9.75 0.45
CA HIS A 82 3.38 8.37 0.91
C HIS A 82 2.26 7.59 0.20
N VAL A 83 1.87 8.06 -0.98
CA VAL A 83 0.95 7.36 -1.86
C VAL A 83 1.58 7.37 -3.25
N CYS A 84 1.60 6.23 -3.93
CA CYS A 84 2.11 6.18 -5.29
C CYS A 84 1.10 6.80 -6.25
N ARG A 85 1.60 7.63 -7.16
CA ARG A 85 0.74 8.29 -8.12
C ARG A 85 0.89 7.63 -9.48
N LEU A 86 -0.19 7.66 -10.27
CA LEU A 86 -0.14 7.20 -11.65
C LEU A 86 0.57 8.24 -12.50
N LEU A 87 1.72 7.87 -13.07
CA LEU A 87 2.39 8.78 -13.99
C LEU A 87 1.62 8.91 -15.29
N GLY A 88 1.00 7.83 -15.73
CA GLY A 88 0.22 7.85 -16.94
C GLY A 88 -0.20 6.44 -17.30
N ILE A 89 -0.86 6.33 -18.46
CA ILE A 89 -1.24 5.04 -19.01
C ILE A 89 -0.76 4.98 -20.46
N CYS A 90 -0.50 3.76 -20.93
CA CYS A 90 -0.14 3.53 -22.32
C CYS A 90 -1.26 2.73 -22.98
N LEU A 91 -1.76 3.24 -24.11
CA LEU A 91 -2.96 2.71 -24.73
C LEU A 91 -2.64 1.57 -25.71
N THR A 92 -2.08 0.50 -25.15
CA THR A 92 -1.92 -0.75 -25.87
C THR A 92 -3.17 -1.60 -25.66
N SER A 93 -3.25 -2.70 -26.42
CA SER A 93 -4.44 -3.56 -26.45
C SER A 93 -5.06 -3.74 -25.08
N THR A 94 -4.28 -4.29 -24.15
CA THR A 94 -4.61 -4.19 -22.73
C THR A 94 -3.90 -2.98 -22.17
N VAL A 95 -4.63 -2.14 -21.43
CA VAL A 95 -4.07 -0.90 -20.95
C VAL A 95 -2.96 -1.18 -19.95
N GLN A 96 -1.86 -0.43 -20.07
CA GLN A 96 -0.74 -0.52 -19.16
C GLN A 96 -0.75 0.68 -18.22
N LEU A 97 -0.57 0.42 -16.93
CA LEU A 97 -0.47 1.47 -15.93
C LEU A 97 1.00 1.75 -15.64
N ILE A 98 1.39 3.01 -15.69
CA ILE A 98 2.77 3.44 -15.46
C ILE A 98 2.84 4.17 -14.13
N THR A 99 3.86 3.84 -13.34
CA THR A 99 4.09 4.54 -12.08
C THR A 99 5.59 4.60 -11.79
N GLN A 100 5.92 5.35 -10.76
CA GLN A 100 7.31 5.49 -10.33
C GLN A 100 7.91 4.16 -9.91
N LEU A 101 9.09 3.85 -10.41
CA LEU A 101 9.79 2.64 -9.99
C LEU A 101 10.28 2.78 -8.56
N MET A 102 9.90 1.82 -7.72
CA MET A 102 10.29 1.79 -6.31
C MET A 102 11.33 0.70 -6.10
N PRO A 103 12.63 1.03 -6.15
CA PRO A 103 13.66 0.02 -6.47
C PRO A 103 13.75 -1.13 -5.47
N PHE A 104 13.30 -0.96 -4.24
CA PHE A 104 13.43 -2.00 -3.23
C PHE A 104 12.19 -2.89 -3.14
N GLY A 105 11.27 -2.78 -4.08
CA GLY A 105 10.12 -3.64 -4.12
C GLY A 105 9.15 -3.37 -2.98
N CYS A 106 8.27 -4.33 -2.77
CA CYS A 106 7.25 -4.22 -1.74
C CYS A 106 7.87 -4.40 -0.35
N LEU A 107 7.21 -3.79 0.64
CA LEU A 107 7.69 -3.87 2.01
C LEU A 107 7.61 -5.29 2.54
N LEU A 108 6.63 -6.08 2.10
CA LEU A 108 6.48 -7.45 2.59
C LEU A 108 7.71 -8.28 2.27
N ASP A 109 8.11 -8.31 1.00
CA ASP A 109 9.33 -9.03 0.63
C ASP A 109 10.58 -8.37 1.19
N TYR A 110 10.51 -7.07 1.49
CA TYR A 110 11.68 -6.39 2.02
C TYR A 110 11.97 -6.83 3.44
N VAL A 111 10.97 -6.77 4.32
CA VAL A 111 11.19 -7.18 5.71
C VAL A 111 11.55 -8.65 5.78
N ARG A 112 11.04 -9.47 4.84
CA ARG A 112 11.38 -10.88 4.83
C ARG A 112 12.85 -11.10 4.50
N GLU A 113 13.39 -10.35 3.54
CA GLU A 113 14.77 -10.57 3.12
C GLU A 113 15.78 -9.95 4.07
N HIS A 114 15.43 -8.85 4.75
CA HIS A 114 16.39 -8.11 5.56
C HIS A 114 16.07 -8.18 7.06
N LYS A 115 15.40 -9.25 7.49
CA LYS A 115 15.06 -9.46 8.90
C LYS A 115 16.20 -9.08 9.83
N ASP A 116 17.38 -9.66 9.59
CA ASP A 116 18.56 -9.51 10.42
C ASP A 116 19.20 -8.13 10.31
N ASN A 117 18.64 -7.17 9.58
CA ASN A 117 19.26 -5.86 9.45
C ASN A 117 18.27 -4.71 9.61
N ILE A 118 17.05 -4.98 10.08
CA ILE A 118 16.02 -3.97 10.22
C ILE A 118 15.90 -3.59 11.70
N GLY A 119 16.04 -2.30 12.00
CA GLY A 119 15.99 -1.81 13.35
C GLY A 119 14.62 -1.24 13.71
N SER A 120 14.45 -0.98 15.01
CA SER A 120 13.20 -0.40 15.50
C SER A 120 12.93 0.97 14.88
N GLN A 121 13.99 1.74 14.60
CA GLN A 121 13.81 3.04 13.94
C GLN A 121 13.10 2.87 12.61
N TYR A 122 13.58 1.95 11.77
CA TYR A 122 12.95 1.75 10.46
C TYR A 122 11.53 1.22 10.60
N LEU A 123 11.33 0.26 11.51
CA LEU A 123 10.00 -0.32 11.70
C LEU A 123 8.99 0.74 12.10
N LEU A 124 9.27 1.50 13.16
CA LEU A 124 8.33 2.51 13.62
C LEU A 124 8.13 3.60 12.57
N ASN A 125 9.20 3.96 11.85
CA ASN A 125 9.10 5.01 10.85
C ASN A 125 8.16 4.61 9.73
N TRP A 126 8.23 3.35 9.29
CA TRP A 126 7.29 2.88 8.28
C TRP A 126 5.86 2.98 8.79
N CYS A 127 5.62 2.69 10.07
CA CYS A 127 4.28 2.80 10.63
C CYS A 127 3.77 4.23 10.56
N VAL A 128 4.62 5.20 10.88
CA VAL A 128 4.23 6.60 10.71
C VAL A 128 3.87 6.88 9.25
N GLN A 129 4.74 6.43 8.34
CA GLN A 129 4.59 6.81 6.93
C GLN A 129 3.36 6.16 6.31
N ILE A 130 3.05 4.91 6.67
CA ILE A 130 1.86 4.29 6.11
C ILE A 130 0.61 4.98 6.63
N ALA A 131 0.59 5.37 7.90
CA ALA A 131 -0.55 6.07 8.46
C ALA A 131 -0.70 7.47 7.86
N LYS A 132 0.41 8.11 7.49
CA LYS A 132 0.34 9.41 6.83
C LYS A 132 -0.32 9.30 5.45
N GLY A 133 0.04 8.27 4.69
CA GLY A 133 -0.60 8.05 3.42
C GLY A 133 -2.06 7.68 3.56
N MET A 134 -2.37 6.83 4.53
CA MET A 134 -3.75 6.45 4.74
C MET A 134 -4.57 7.63 5.22
N ASN A 135 -3.99 8.47 6.08
CA ASN A 135 -4.69 9.67 6.51
C ASN A 135 -4.95 10.60 5.33
N TYR A 136 -3.99 10.71 4.42
CA TYR A 136 -4.23 11.47 3.19
C TYR A 136 -5.40 10.87 2.41
N LEU A 137 -5.38 9.55 2.23
CA LEU A 137 -6.48 8.89 1.55
C LEU A 137 -7.81 9.14 2.24
N GLU A 138 -7.80 9.28 3.57
CA GLU A 138 -9.05 9.61 4.27
C GLU A 138 -9.49 11.04 3.96
N ASP A 139 -8.53 11.97 3.86
CA ASP A 139 -8.87 13.33 3.45
C ASP A 139 -9.50 13.35 2.06
N ARG A 140 -9.00 12.54 1.14
CA ARG A 140 -9.57 12.47 -0.20
C ARG A 140 -10.80 11.57 -0.28
N ARG A 141 -11.34 11.15 0.87
CA ARG A 141 -12.55 10.32 0.96
C ARG A 141 -12.36 8.99 0.22
N LEU A 142 -11.19 8.39 0.40
CA LEU A 142 -10.81 7.15 -0.26
C LEU A 142 -10.75 6.00 0.74
N VAL A 143 -11.48 4.94 0.44
CA VAL A 143 -11.38 3.71 1.20
C VAL A 143 -10.53 2.74 0.39
N HIS A 144 -9.31 2.49 0.87
CA HIS A 144 -8.35 1.72 0.08
C HIS A 144 -8.84 0.30 -0.15
N ARG A 145 -9.39 -0.34 0.88
CA ARG A 145 -9.97 -1.67 0.87
C ARG A 145 -8.98 -2.79 0.58
N ASP A 146 -7.69 -2.49 0.48
CA ASP A 146 -6.71 -3.56 0.31
C ASP A 146 -5.36 -3.10 0.85
N LEU A 147 -5.36 -2.48 2.02
CA LEU A 147 -4.12 -2.15 2.69
C LEU A 147 -3.48 -3.43 3.22
N ALA A 148 -2.19 -3.61 2.93
CA ALA A 148 -1.45 -4.78 3.34
C ALA A 148 0.02 -4.53 3.03
N ALA A 149 0.89 -5.26 3.73
CA ALA A 149 2.33 -5.07 3.55
C ALA A 149 2.76 -5.33 2.11
N ARG A 150 2.09 -6.27 1.44
CA ARG A 150 2.39 -6.53 0.03
C ARG A 150 2.06 -5.33 -0.85
N ASN A 151 1.17 -4.46 -0.42
CA ASN A 151 0.76 -3.29 -1.20
C ASN A 151 1.42 -2.00 -0.72
N VAL A 152 2.56 -2.09 -0.04
CA VAL A 152 3.37 -0.93 0.30
C VAL A 152 4.71 -1.08 -0.41
N LEU A 153 5.07 -0.09 -1.23
CA LEU A 153 6.33 -0.12 -1.96
C LEU A 153 7.40 0.69 -1.22
N VAL A 154 8.66 0.33 -1.48
CA VAL A 154 9.82 0.89 -0.79
C VAL A 154 10.66 1.64 -1.81
N LYS A 155 10.64 2.97 -1.76
CA LYS A 155 11.49 3.79 -2.62
C LYS A 155 12.92 3.78 -2.14
N THR A 156 13.12 4.09 -0.87
CA THR A 156 14.36 3.88 -0.13
C THR A 156 13.97 3.24 1.19
N PRO A 157 14.94 2.66 1.92
CA PRO A 157 14.62 2.11 3.24
C PRO A 157 13.96 3.12 4.16
N GLN A 158 14.14 4.40 3.89
CA GLN A 158 13.62 5.46 4.73
C GLN A 158 12.35 6.10 4.16
N HIS A 159 11.84 5.60 3.05
CA HIS A 159 10.69 6.22 2.40
C HIS A 159 9.84 5.14 1.75
N VAL A 160 8.64 4.91 2.29
CA VAL A 160 7.72 3.93 1.74
C VAL A 160 6.46 4.67 1.28
N LYS A 161 5.74 4.05 0.34
CA LYS A 161 4.53 4.63 -0.23
C LYS A 161 3.47 3.54 -0.44
N ILE A 162 2.20 3.92 -0.32
CA ILE A 162 1.08 2.99 -0.50
C ILE A 162 0.73 2.90 -1.97
N THR A 163 0.30 1.72 -2.41
CA THR A 163 -0.05 1.49 -3.81
C THR A 163 -1.23 0.51 -3.89
N ASP A 164 -1.52 0.08 -5.12
CA ASP A 164 -2.60 -0.87 -5.43
C ASP A 164 -3.97 -0.31 -5.06
N PHE A 165 -4.65 0.30 -6.03
CA PHE A 165 -5.97 0.87 -5.83
C PHE A 165 -7.06 0.08 -6.57
N GLY A 166 -6.81 -1.20 -6.84
CA GLY A 166 -7.75 -2.02 -7.58
C GLY A 166 -9.06 -2.25 -6.86
N LEU A 167 -9.09 -2.04 -5.54
CA LEU A 167 -10.31 -2.17 -4.76
C LEU A 167 -10.77 -0.85 -4.16
N ALA A 168 -10.02 0.23 -4.36
CA ALA A 168 -10.34 1.50 -3.73
C ALA A 168 -11.68 2.02 -4.22
N LYS A 169 -12.36 2.76 -3.34
CA LYS A 169 -13.67 3.33 -3.64
C LYS A 169 -13.74 4.74 -3.06
N LEU A 170 -14.39 5.64 -3.79
CA LEU A 170 -14.60 7.00 -3.33
C LEU A 170 -15.96 7.11 -2.66
N LEU A 171 -15.98 7.67 -1.46
CA LEU A 171 -17.22 7.84 -0.73
C LEU A 171 -17.83 9.21 -1.04
N GLY A 172 -19.15 9.25 -1.08
CA GLY A 172 -19.85 10.49 -1.37
C GLY A 172 -19.72 11.50 -0.24
N ALA A 173 -20.04 12.76 -0.56
CA ALA A 173 -19.84 13.86 0.39
C ALA A 173 -20.54 13.61 1.73
N GLU A 174 -21.66 12.88 1.73
CA GLU A 174 -22.32 12.50 2.97
C GLU A 174 -22.43 10.99 3.13
N GLU A 175 -21.90 10.22 2.19
CA GLU A 175 -21.85 8.76 2.29
C GLU A 175 -20.75 8.38 3.28
N LYS A 176 -21.08 7.51 4.23
CA LYS A 176 -20.13 7.09 5.25
C LYS A 176 -19.62 5.67 5.09
N GLU A 177 -20.33 4.83 4.35
CA GLU A 177 -19.92 3.44 4.18
C GLU A 177 -19.95 3.08 2.71
N TYR A 178 -19.19 2.04 2.36
CA TYR A 178 -19.27 1.44 1.03
C TYR A 178 -19.76 0.01 1.19
N HIS A 179 -20.96 -0.26 0.67
CA HIS A 179 -21.52 -1.60 0.65
C HIS A 179 -21.13 -2.26 -0.67
N ALA A 180 -20.41 -3.37 -0.60
CA ALA A 180 -19.88 -4.02 -1.78
C ALA A 180 -20.78 -5.18 -2.20
N GLU A 181 -20.29 -5.93 -3.20
CA GLU A 181 -20.90 -7.19 -3.61
C GLU A 181 -19.89 -8.31 -3.49
N GLY A 182 -20.13 -9.42 -4.16
CA GLY A 182 -19.18 -10.52 -4.13
C GLY A 182 -17.92 -10.23 -4.91
N GLY A 183 -16.91 -11.03 -4.64
CA GLY A 183 -15.61 -10.92 -5.27
C GLY A 183 -14.52 -11.30 -4.29
N LYS A 184 -13.43 -11.84 -4.82
CA LYS A 184 -12.27 -12.18 -4.00
C LYS A 184 -11.82 -10.98 -3.18
N VAL A 185 -11.65 -11.18 -1.89
CA VAL A 185 -11.21 -10.11 -1.00
C VAL A 185 -10.21 -10.69 -0.02
N PRO A 186 -9.19 -9.96 0.36
CA PRO A 186 -8.22 -10.51 1.32
C PRO A 186 -8.83 -10.57 2.70
N ILE A 187 -9.50 -11.71 2.99
CA ILE A 187 -10.28 -11.84 4.21
C ILE A 187 -9.40 -11.71 5.46
N LYS A 188 -8.17 -12.21 5.39
CA LYS A 188 -7.30 -12.14 6.55
C LYS A 188 -6.83 -10.73 6.85
N TRP A 189 -7.27 -9.73 6.08
CA TRP A 189 -6.89 -8.33 6.30
C TRP A 189 -8.05 -7.40 6.56
N MET A 190 -9.29 -7.85 6.44
CA MET A 190 -10.43 -6.97 6.54
C MET A 190 -11.13 -7.12 7.88
N ALA A 191 -11.84 -6.06 8.27
CA ALA A 191 -12.49 -6.04 9.56
C ALA A 191 -13.68 -7.00 9.58
N LEU A 192 -14.14 -7.32 10.80
CA LEU A 192 -15.24 -8.26 10.97
C LEU A 192 -16.48 -7.82 10.20
N GLU A 193 -16.86 -6.54 10.36
CA GLU A 193 -18.04 -6.03 9.68
C GLU A 193 -17.92 -6.14 8.16
N SER A 194 -16.69 -6.08 7.63
CA SER A 194 -16.48 -6.27 6.20
C SER A 194 -16.75 -7.71 5.80
N ILE A 195 -16.34 -8.66 6.63
CA ILE A 195 -16.54 -10.08 6.31
C ILE A 195 -18.01 -10.45 6.43
N LEU A 196 -18.69 -9.90 7.43
CA LEU A 196 -20.07 -10.28 7.69
C LEU A 196 -21.05 -9.52 6.79
N HIS A 197 -20.90 -8.20 6.69
CA HIS A 197 -21.87 -7.38 5.99
C HIS A 197 -21.30 -6.69 4.75
N ARG A 198 -20.04 -6.94 4.41
CA ARG A 198 -19.40 -6.32 3.24
C ARG A 198 -19.49 -4.80 3.31
N ILE A 199 -19.27 -4.28 4.51
CA ILE A 199 -19.24 -2.85 4.80
C ILE A 199 -17.79 -2.40 4.88
N TYR A 200 -17.46 -1.29 4.21
CA TYR A 200 -16.09 -0.79 4.21
C TYR A 200 -16.09 0.70 4.56
N THR A 201 -15.19 1.08 5.46
CA THR A 201 -15.05 2.47 5.88
C THR A 201 -13.57 2.77 6.09
N HIS A 202 -13.26 4.05 6.33
CA HIS A 202 -11.92 4.41 6.74
C HIS A 202 -11.52 3.67 8.02
N GLN A 203 -12.49 3.37 8.88
CA GLN A 203 -12.17 2.62 10.08
C GLN A 203 -11.96 1.14 9.79
N SER A 204 -12.54 0.60 8.72
CA SER A 204 -12.18 -0.76 8.32
C SER A 204 -10.77 -0.80 7.74
N ASP A 205 -10.36 0.27 7.05
CA ASP A 205 -8.97 0.37 6.60
C ASP A 205 -8.01 0.35 7.79
N VAL A 206 -8.44 0.92 8.92
CA VAL A 206 -7.60 0.92 10.12
C VAL A 206 -7.35 -0.51 10.58
N TRP A 207 -8.39 -1.35 10.59
CA TRP A 207 -8.19 -2.77 10.87
C TRP A 207 -7.12 -3.35 9.96
N SER A 208 -7.23 -3.09 8.65
CA SER A 208 -6.22 -3.57 7.71
C SER A 208 -4.86 -3.01 8.06
N TYR A 209 -4.79 -1.74 8.46
CA TYR A 209 -3.54 -1.16 8.95
C TYR A 209 -2.98 -1.96 10.11
N GLY A 210 -3.85 -2.34 11.06
CA GLY A 210 -3.41 -3.14 12.19
C GLY A 210 -2.77 -4.45 11.77
N VAL A 211 -3.38 -5.15 10.83
CA VAL A 211 -2.78 -6.37 10.29
C VAL A 211 -1.47 -6.05 9.60
N THR A 212 -1.43 -4.95 8.84
CA THR A 212 -0.21 -4.58 8.11
C THR A 212 0.94 -4.32 9.08
N VAL A 213 0.67 -3.64 10.19
CA VAL A 213 1.71 -3.39 11.19
C VAL A 213 2.19 -4.71 11.78
N TRP A 214 1.25 -5.61 12.09
CA TRP A 214 1.59 -6.93 12.58
C TRP A 214 2.52 -7.66 11.61
N GLU A 215 2.30 -7.45 10.30
CA GLU A 215 3.16 -8.06 9.30
C GLU A 215 4.60 -7.56 9.41
N LEU A 216 4.77 -6.27 9.67
CA LEU A 216 6.12 -5.71 9.78
C LEU A 216 6.82 -6.20 11.05
N MET A 217 6.11 -6.19 12.19
CA MET A 217 6.72 -6.56 13.45
C MET A 217 7.05 -8.04 13.51
N THR A 218 6.33 -8.87 12.76
CA THR A 218 6.67 -10.28 12.65
C THR A 218 7.66 -10.54 11.52
N PHE A 219 8.17 -9.48 10.88
CA PHE A 219 9.16 -9.58 9.80
C PHE A 219 8.63 -10.40 8.62
N GLY A 220 7.34 -10.24 8.32
CA GLY A 220 6.74 -10.86 7.18
C GLY A 220 6.04 -12.18 7.41
N SER A 221 5.51 -12.42 8.60
CA SER A 221 4.74 -13.63 8.84
C SER A 221 3.37 -13.51 8.19
N LYS A 222 2.74 -14.67 7.97
CA LYS A 222 1.41 -14.73 7.37
C LYS A 222 0.33 -14.66 8.45
N PRO A 223 -0.65 -13.78 8.31
CA PRO A 223 -1.70 -13.65 9.34
C PRO A 223 -2.59 -14.88 9.35
N TYR A 224 -2.84 -15.41 10.55
CA TYR A 224 -3.62 -16.63 10.73
C TYR A 224 -3.06 -17.74 9.85
N ASP A 225 -1.74 -17.93 9.94
CA ASP A 225 -1.05 -18.94 9.17
C ASP A 225 -1.62 -20.31 9.50
N GLY A 226 -2.14 -20.98 8.47
CA GLY A 226 -2.79 -22.26 8.69
C GLY A 226 -4.30 -22.17 8.53
N ILE A 227 -4.94 -21.36 9.37
CA ILE A 227 -6.39 -21.30 9.43
C ILE A 227 -6.90 -21.03 8.01
N PRO A 228 -7.86 -21.80 7.51
CA PRO A 228 -8.49 -21.41 6.24
C PRO A 228 -9.33 -20.13 6.36
N ALA A 229 -9.64 -19.56 5.19
CA ALA A 229 -10.32 -18.27 5.12
C ALA A 229 -11.70 -18.33 5.76
N SER A 230 -12.40 -19.46 5.65
CA SER A 230 -13.78 -19.52 6.11
C SER A 230 -13.93 -19.53 7.62
N GLU A 231 -12.85 -19.79 8.38
CA GLU A 231 -12.94 -19.76 9.83
C GLU A 231 -12.64 -18.39 10.42
N ILE A 232 -12.11 -17.45 9.62
CA ILE A 232 -11.67 -16.18 10.16
C ILE A 232 -12.82 -15.47 10.87
N SER A 233 -13.98 -15.41 10.22
CA SER A 233 -15.12 -14.72 10.79
C SER A 233 -15.54 -15.31 12.13
N SER A 234 -15.51 -16.64 12.23
CA SER A 234 -15.87 -17.29 13.50
C SER A 234 -14.79 -17.06 14.55
N ILE A 235 -13.52 -17.01 14.14
CA ILE A 235 -12.44 -16.78 15.09
C ILE A 235 -12.50 -15.35 15.64
N LEU A 236 -12.70 -14.37 14.76
CA LEU A 236 -12.78 -12.99 15.21
C LEU A 236 -14.00 -12.76 16.10
N GLU A 237 -15.06 -13.56 15.91
CA GLU A 237 -16.25 -13.39 16.74
C GLU A 237 -16.08 -14.00 18.13
N LYS A 238 -15.21 -15.00 18.27
CA LYS A 238 -14.91 -15.52 19.61
C LYS A 238 -14.09 -14.53 20.43
N GLY A 239 -13.53 -13.51 19.79
CA GLY A 239 -12.66 -12.56 20.44
C GLY A 239 -11.19 -12.76 20.18
N GLU A 240 -10.82 -13.70 19.32
CA GLU A 240 -9.42 -14.00 19.06
C GLU A 240 -8.83 -13.05 18.02
N ARG A 241 -7.59 -12.62 18.26
CA ARG A 241 -6.88 -11.74 17.33
C ARG A 241 -5.49 -12.30 17.07
N LEU A 242 -4.72 -11.60 16.23
CA LEU A 242 -3.35 -12.00 15.93
C LEU A 242 -2.48 -11.87 17.18
N PRO A 243 -1.51 -12.76 17.37
CA PRO A 243 -0.75 -12.76 18.63
C PRO A 243 0.26 -11.63 18.69
N GLN A 244 0.69 -11.34 19.92
CA GLN A 244 1.69 -10.31 20.17
C GLN A 244 3.03 -10.74 19.57
N PRO A 245 3.62 -9.94 18.68
CA PRO A 245 4.93 -10.31 18.13
C PRO A 245 6.02 -10.26 19.19
N PRO A 246 7.03 -11.10 19.09
CA PRO A 246 8.08 -11.13 20.14
C PRO A 246 8.75 -9.80 20.40
N ILE A 247 9.12 -9.06 19.34
CA ILE A 247 9.82 -7.80 19.51
C ILE A 247 8.92 -6.69 20.03
N CYS A 248 7.62 -6.93 20.12
CA CYS A 248 6.65 -5.87 20.40
C CYS A 248 6.44 -5.72 21.89
N THR A 249 6.73 -4.54 22.41
CA THR A 249 6.27 -4.16 23.74
C THR A 249 4.75 -4.14 23.78
N ILE A 250 4.19 -4.17 24.99
CA ILE A 250 2.74 -4.09 25.12
C ILE A 250 2.24 -2.77 24.56
N ASP A 251 3.05 -1.71 24.66
CA ASP A 251 2.68 -0.42 24.11
C ASP A 251 2.34 -0.52 22.63
N VAL A 252 3.19 -1.18 21.84
CA VAL A 252 2.95 -1.31 20.42
C VAL A 252 1.80 -2.28 20.15
N TYR A 253 1.82 -3.43 20.81
CA TYR A 253 0.78 -4.43 20.57
C TYR A 253 -0.61 -3.91 20.92
N MET A 254 -0.71 -3.05 21.93
CA MET A 254 -2.00 -2.43 22.28
C MET A 254 -2.54 -1.57 21.15
N ILE A 255 -1.66 -0.90 20.40
CA ILE A 255 -2.12 -0.13 19.25
C ILE A 255 -2.68 -1.06 18.18
N MET A 256 -2.05 -2.21 17.97
CA MET A 256 -2.59 -3.20 17.05
C MET A 256 -3.96 -3.68 17.51
N VAL A 257 -4.05 -4.12 18.76
CA VAL A 257 -5.32 -4.60 19.30
C VAL A 257 -6.41 -3.55 19.14
N LYS A 258 -6.07 -2.28 19.39
CA LYS A 258 -7.06 -1.22 19.25
C LYS A 258 -7.58 -1.10 17.83
N CYS A 259 -6.76 -1.46 16.83
CA CYS A 259 -7.23 -1.47 15.45
C CYS A 259 -8.20 -2.62 15.17
N TRP A 260 -8.38 -3.54 16.11
CA TRP A 260 -9.19 -4.74 15.90
C TRP A 260 -10.40 -4.76 16.82
N MET A 261 -10.85 -3.60 17.28
CA MET A 261 -12.06 -3.51 18.07
C MET A 261 -13.27 -3.90 17.24
N ILE A 262 -14.25 -4.53 17.89
CA ILE A 262 -15.51 -4.82 17.22
C ILE A 262 -16.21 -3.52 16.86
N ASP A 263 -16.14 -2.52 17.73
CA ASP A 263 -16.71 -1.21 17.47
C ASP A 263 -15.76 -0.44 16.56
N ALA A 264 -16.17 -0.19 15.32
CA ALA A 264 -15.28 0.47 14.37
C ALA A 264 -14.92 1.88 14.81
N ASP A 265 -15.86 2.58 15.45
CA ASP A 265 -15.58 3.93 15.90
C ASP A 265 -14.64 3.99 17.09
N SER A 266 -14.48 2.88 17.81
CA SER A 266 -13.55 2.84 18.92
C SER A 266 -12.10 2.61 18.47
N ARG A 267 -11.91 2.16 17.24
CA ARG A 267 -10.56 1.98 16.72
C ARG A 267 -9.89 3.33 16.53
N PRO A 268 -8.56 3.36 16.56
CA PRO A 268 -7.85 4.63 16.33
C PRO A 268 -8.09 5.18 14.93
N LYS A 269 -7.97 6.50 14.82
CA LYS A 269 -8.02 7.19 13.54
C LYS A 269 -6.60 7.39 13.03
N PHE A 270 -6.45 7.36 11.70
CA PHE A 270 -5.11 7.44 11.11
C PHE A 270 -4.32 8.62 11.64
N ARG A 271 -4.95 9.79 11.76
CA ARG A 271 -4.26 10.95 12.32
C ARG A 271 -3.72 10.66 13.72
N GLU A 272 -4.39 9.78 14.48
CA GLU A 272 -3.88 9.43 15.80
C GLU A 272 -2.75 8.41 15.71
N LEU A 273 -2.85 7.45 14.81
CA LEU A 273 -1.76 6.48 14.63
C LEU A 273 -0.49 7.24 14.25
N ILE A 274 -0.59 8.27 13.42
CA ILE A 274 0.57 9.11 13.13
C ILE A 274 1.18 9.64 14.42
N ILE A 275 0.35 10.26 15.25
CA ILE A 275 0.85 10.89 16.48
C ILE A 275 1.49 9.86 17.39
N GLU A 276 0.80 8.74 17.63
CA GLU A 276 1.30 7.73 18.56
C GLU A 276 2.61 7.11 18.09
N PHE A 277 2.72 6.82 16.80
CA PHE A 277 3.95 6.22 16.30
C PHE A 277 5.08 7.24 16.20
N SER A 278 4.77 8.50 15.93
CA SER A 278 5.80 9.53 15.95
C SER A 278 6.44 9.62 17.32
N LYS A 279 5.61 9.62 18.36
CA LYS A 279 6.13 9.63 19.73
C LYS A 279 7.06 8.44 19.95
N MET A 280 6.63 7.24 19.54
CA MET A 280 7.45 6.07 19.75
C MET A 280 8.70 6.08 18.87
N ALA A 281 8.61 6.66 17.67
CA ALA A 281 9.77 6.72 16.79
C ALA A 281 10.87 7.63 17.34
N ARG A 282 10.56 8.45 18.34
CA ARG A 282 11.55 9.32 18.95
C ARG A 282 12.39 8.62 20.02
N ASP A 283 11.95 7.46 20.49
CA ASP A 283 12.76 6.59 21.35
C ASP A 283 12.48 5.14 20.95
N PRO A 284 12.98 4.72 19.79
CA PRO A 284 12.49 3.46 19.19
C PRO A 284 12.82 2.23 20.02
N GLN A 285 13.88 2.27 20.82
CA GLN A 285 14.31 1.05 21.56
C GLN A 285 13.45 0.85 22.81
N ARG A 286 12.65 1.84 23.18
CA ARG A 286 11.72 1.69 24.30
C ARG A 286 10.46 0.94 23.92
N TYR A 287 10.18 0.79 22.62
CA TYR A 287 8.93 0.20 22.17
C TYR A 287 9.09 -1.03 21.29
N LEU A 288 10.29 -1.27 20.76
CA LEU A 288 10.60 -2.50 20.02
C LEU A 288 11.91 -3.05 20.54
N VAL A 289 11.94 -4.36 20.79
CA VAL A 289 13.10 -5.01 21.38
C VAL A 289 13.64 -5.99 20.34
N ILE A 290 14.72 -5.61 19.66
CA ILE A 290 15.28 -6.36 18.54
C ILE A 290 16.75 -6.65 18.86
N GLN A 291 17.15 -7.90 18.67
CA GLN A 291 18.52 -8.30 19.01
C GLN A 291 19.48 -7.68 18.01
N GLY A 292 20.41 -6.86 18.50
CA GLY A 292 21.37 -6.15 17.67
C GLY A 292 20.91 -4.84 17.09
N ASP A 293 19.88 -4.20 17.68
CA ASP A 293 19.30 -2.99 17.11
C ASP A 293 20.33 -1.86 16.99
N GLU A 294 21.02 -1.56 18.10
CA GLU A 294 22.10 -0.58 18.14
C GLU A 294 23.08 -0.77 16.98
N ARG A 295 23.34 -2.02 16.60
CA ARG A 295 24.23 -2.33 15.48
C ARG A 295 23.42 -2.83 14.29
N MET A 296 22.61 -1.92 13.74
CA MET A 296 21.77 -2.26 12.57
C MET A 296 21.76 -1.10 11.59
N ASP A 312 20.43 2.34 -11.89
CA ASP A 312 21.49 1.47 -12.45
C ASP A 312 21.72 1.83 -13.92
N GLU A 313 22.47 1.00 -14.64
CA GLU A 313 22.72 1.23 -16.10
C GLU A 313 23.64 2.44 -16.31
N GLU A 314 24.17 2.59 -17.52
CA GLU A 314 25.12 3.70 -17.82
C GLU A 314 24.34 4.99 -18.10
N ASP A 315 23.01 4.91 -18.14
CA ASP A 315 22.19 6.15 -18.32
C ASP A 315 21.89 6.70 -16.94
N MET A 316 22.69 7.67 -16.48
CA MET A 316 22.50 8.16 -15.09
C MET A 316 22.72 9.66 -15.05
N ASP A 317 23.27 10.21 -16.12
CA ASP A 317 23.58 11.67 -16.13
C ASP A 317 22.26 12.43 -16.15
N ASP A 318 21.25 11.84 -16.79
CA ASP A 318 19.99 12.55 -16.91
C ASP A 318 18.84 11.81 -16.22
N VAL A 319 19.15 10.82 -15.38
CA VAL A 319 18.11 10.15 -14.61
C VAL A 319 17.51 11.11 -13.60
N VAL A 320 16.19 11.12 -13.50
CA VAL A 320 15.48 11.94 -12.52
C VAL A 320 14.36 11.10 -11.94
N ASP A 321 14.30 11.01 -10.61
CA ASP A 321 13.20 10.33 -9.96
C ASP A 321 11.88 11.01 -10.30
N ALA A 322 10.79 10.24 -10.26
CA ALA A 322 9.49 10.81 -10.57
C ALA A 322 9.11 11.91 -9.58
N ASP A 323 9.58 11.81 -8.34
CA ASP A 323 9.29 12.82 -7.33
C ASP A 323 9.92 14.18 -7.64
N GLU A 324 10.82 14.24 -8.61
CA GLU A 324 11.45 15.49 -9.03
C GLU A 324 11.03 15.90 -10.45
N TYR A 325 10.11 15.18 -11.07
CA TYR A 325 9.58 15.54 -12.38
C TYR A 325 8.11 15.90 -12.21
N LEU A 326 7.81 17.19 -12.22
CA LEU A 326 6.49 17.70 -11.87
C LEU A 326 5.82 18.34 -13.09
N ILE A 327 4.68 17.77 -13.50
CA ILE A 327 3.85 18.22 -14.63
C ILE A 327 4.57 19.07 -15.69
C01 X9H B . 2.51 -4.77 -8.34
C02 X9H B . 4.02 -5.07 -7.89
C03 X9H B . 4.49 -6.37 -7.75
C04 X9H B . 5.76 -6.71 -6.91
C06 X9H B . 5.36 -8.05 -4.76
C07 X9H B . 5.08 -8.24 -3.26
C08 X9H B . 5.02 -7.22 -2.39
C10 X9H B . 6.89 -5.58 -7.22
C12 X9H B . 5.02 -3.86 -8.03
C13 X9H B . 4.95 -2.48 -8.42
C14 X9H B . 3.71 -1.68 -8.86
C15 X9H B . 3.60 -1.14 -10.15
C16 X9H B . 2.45 -0.36 -10.64
C17 X9H B . 2.37 0.19 -11.99
C18 X9H B . 1.26 0.93 -12.41
C19 X9H B . 0.15 1.16 -11.48
C20 X9H B . 0.20 0.64 -10.19
C21 X9H B . 1.38 -0.15 -9.70
C23 X9H B . 2.56 -1.41 -7.98
C24 X9H B . 6.33 -1.90 -8.34
C25 X9H B . 6.94 -0.56 -8.59
C28 X9H B . 9.06 -1.51 -7.96
C30 X9H B . 7.20 -2.96 -7.89
N05 X9H B . 5.49 -6.78 -5.43
N11 X9H B . 6.42 -4.16 -7.69
N22 X9H B . 1.47 -0.70 -8.37
N26 X9H B . 6.16 0.56 -9.04
N27 X9H B . 8.32 -0.41 -8.40
N29 X9H B . 8.58 -2.75 -7.70
O09 X9H B . 5.49 -9.10 -5.39
C1 CIT C . -3.88 -11.63 -1.65
O1 CIT C . -5.04 -10.99 -1.70
O2 CIT C . -3.10 -11.65 -2.56
C2 CIT C . -3.63 -12.33 -0.34
C3 CIT C . -4.66 -13.38 0.11
O7 CIT C . -3.92 -14.44 0.70
C4 CIT C . -5.60 -12.82 1.18
C5 CIT C . -6.47 -13.82 1.95
O3 CIT C . -7.65 -13.68 2.07
O4 CIT C . -5.79 -14.82 2.48
C6 CIT C . -5.46 -13.92 -1.08
O5 CIT C . -6.62 -13.62 -1.29
O6 CIT C . -4.75 -14.68 -1.87
#